data_7S0M
#
_entry.id   7S0M
#
_cell.length_a   189.801
_cell.length_b   189.801
_cell.length_c   56.483
_cell.angle_alpha   90.000
_cell.angle_beta   90.000
_cell.angle_gamma   120.000
#
_symmetry.space_group_name_H-M   'P 3 2 1'
#
loop_
_entity.id
_entity.type
_entity.pdbx_description
1 polymer 'Terpene synthase'
2 non-polymer '3-METHYLBUT-3-ENYL TRIHYDROGEN DIPHOSPHATE'
3 water water
#
_entity_poly.entity_id   1
_entity_poly.type   'polypeptide(L)'
_entity_poly.pdbx_seq_one_letter_code
;DSYYQRSDWTADEEQILLGPFDYLESLPGKNMRSQLIQSFNTWLKVPTESLDVIIKVISMLHTATLLIDDIQDQSILRRG
QPVAHSIFGTAQAMNSGNYVYFLALREVQKLQNPKAISIYVDSLIDLHRGQGMELFWRDSLMCPTEEQYLDMVANKTGGL
FCLAIQLMQAEATIQVDFIPLVRLLGIIFQICDDYLNLKSTAYTDNKGLCEDLTEGKFSFPIIHSIRSNPGNRQLINILK
QKPREDDIKRYALSYMESTNSFEYTRGVVRKLKTEAIDTIQGLEKHGLEENIGIRKILARMSLEL
;
_entity_poly.pdbx_strand_id   A,B
#
# COMPACT_ATOMS: atom_id res chain seq x y z
N SER A 2 10.34 -31.26 -14.84
CA SER A 2 10.02 -29.83 -14.86
C SER A 2 11.06 -29.04 -14.07
N TYR A 3 11.62 -28.00 -14.70
CA TYR A 3 12.76 -27.29 -14.10
C TYR A 3 12.36 -26.60 -12.79
N TYR A 4 11.19 -25.98 -12.76
CA TYR A 4 10.72 -25.22 -11.61
C TYR A 4 9.55 -25.95 -10.94
N GLN A 5 9.64 -26.11 -9.62
CA GLN A 5 8.57 -26.71 -8.81
C GLN A 5 8.11 -25.70 -7.77
N ARG A 6 6.82 -25.34 -7.81
CA ARG A 6 6.29 -24.33 -6.91
C ARG A 6 6.26 -24.85 -5.47
N SER A 7 6.73 -24.02 -4.53
CA SER A 7 6.70 -24.34 -3.11
C SER A 7 5.50 -23.68 -2.46
N ASP A 8 4.90 -24.35 -1.47
CA ASP A 8 3.90 -23.73 -0.62
C ASP A 8 4.54 -22.64 0.26
N TRP A 9 3.75 -21.61 0.55
CA TRP A 9 4.15 -20.59 1.51
C TRP A 9 4.27 -21.18 2.90
N THR A 10 5.35 -20.84 3.61
CA THR A 10 5.63 -21.44 4.91
C THR A 10 5.41 -20.45 6.05
N ALA A 11 5.26 -21.02 7.25
CA ALA A 11 5.08 -20.18 8.44
C ALA A 11 6.31 -19.32 8.70
N ASP A 12 7.51 -19.82 8.37
CA ASP A 12 8.72 -19.02 8.53
C ASP A 12 8.71 -17.79 7.62
N GLU A 13 8.21 -17.96 6.40
CA GLU A 13 8.15 -16.82 5.48
C GLU A 13 7.09 -15.83 5.92
N GLU A 14 5.94 -16.32 6.39
CA GLU A 14 4.92 -15.41 6.91
C GLU A 14 5.45 -14.61 8.08
N GLN A 15 6.27 -15.24 8.92
CA GLN A 15 6.85 -14.56 10.07
C GLN A 15 7.80 -13.45 9.63
N ILE A 16 8.48 -13.64 8.50
CA ILE A 16 9.30 -12.56 7.94
C ILE A 16 8.40 -11.43 7.46
N LEU A 17 7.41 -11.76 6.63
CA LEU A 17 6.54 -10.73 6.08
C LEU A 17 5.88 -9.91 7.17
N LEU A 18 5.54 -10.54 8.30
CA LEU A 18 4.81 -9.86 9.36
C LEU A 18 5.74 -9.32 10.45
N GLY A 19 7.05 -9.44 10.26
CA GLY A 19 8.01 -8.96 11.25
C GLY A 19 7.69 -7.57 11.78
N PRO A 20 7.54 -6.59 10.88
CA PRO A 20 7.23 -5.22 11.34
C PRO A 20 5.85 -5.10 11.96
N PHE A 21 4.84 -5.76 11.37
CA PHE A 21 3.49 -5.75 11.91
C PHE A 21 3.45 -6.35 13.31
N ASP A 22 4.07 -7.53 13.50
CA ASP A 22 4.10 -8.19 14.80
C ASP A 22 4.86 -7.37 15.84
N TYR A 23 5.91 -6.67 15.42
CA TYR A 23 6.63 -5.82 16.35
C TYR A 23 5.69 -4.75 16.91
N LEU A 24 4.96 -4.07 16.03
CA LEU A 24 4.02 -3.04 16.49
C LEU A 24 2.93 -3.63 17.37
N GLU A 25 2.38 -4.78 16.99
CA GLU A 25 1.31 -5.40 17.78
C GLU A 25 1.79 -5.82 19.16
N SER A 26 3.08 -6.04 19.34
CA SER A 26 3.62 -6.37 20.65
C SER A 26 3.78 -5.15 21.55
N LEU A 27 3.44 -3.92 21.08
CA LEU A 27 3.50 -2.68 21.84
C LEU A 27 2.12 -2.29 22.33
N PRO A 28 1.94 -2.04 23.64
CA PRO A 28 0.59 -1.82 24.17
C PRO A 28 0.00 -0.50 23.71
N GLY A 29 -1.18 -0.56 23.11
CA GLY A 29 -1.96 0.60 22.76
C GLY A 29 -3.13 0.82 23.70
N LYS A 30 -3.97 1.79 23.35
CA LYS A 30 -5.10 2.17 24.20
C LYS A 30 -6.40 1.44 23.87
N ASN A 31 -6.52 0.87 22.69
CA ASN A 31 -7.68 0.04 22.32
C ASN A 31 -8.98 0.85 22.30
N MET A 32 -8.87 2.07 21.81
CA MET A 32 -10.06 2.91 21.65
C MET A 32 -11.05 2.27 20.68
N ARG A 33 -10.56 1.77 19.54
CA ARG A 33 -11.48 1.26 18.53
C ARG A 33 -12.23 0.03 19.01
N SER A 34 -11.58 -0.79 19.85
CA SER A 34 -12.30 -1.93 20.42
C SER A 34 -13.41 -1.48 21.35
N GLN A 35 -13.13 -0.49 22.20
CA GLN A 35 -14.18 0.00 23.08
C GLN A 35 -15.29 0.71 22.31
N LEU A 36 -14.96 1.33 21.18
CA LEU A 36 -15.97 1.92 20.31
C LEU A 36 -16.90 0.86 19.74
N ILE A 37 -16.31 -0.21 19.21
CA ILE A 37 -17.09 -1.32 18.69
C ILE A 37 -18.00 -1.89 19.78
N GLN A 38 -17.45 -2.10 20.98
CA GLN A 38 -18.24 -2.65 22.07
C GLN A 38 -19.43 -1.74 22.42
N SER A 39 -19.19 -0.42 22.47
N SER A 39 -19.19 -0.42 22.48
CA SER A 39 -20.25 0.52 22.82
CA SER A 39 -20.27 0.50 22.81
C SER A 39 -21.35 0.57 21.76
C SER A 39 -21.37 0.50 21.76
N PHE A 40 -20.99 0.42 20.48
CA PHE A 40 -22.02 0.37 19.44
C PHE A 40 -22.73 -0.97 19.43
N ASN A 41 -22.08 -2.02 19.92
CA ASN A 41 -22.72 -3.33 19.88
C ASN A 41 -23.87 -3.44 20.87
N THR A 42 -23.88 -2.60 21.89
CA THR A 42 -25.05 -2.52 22.76
C THR A 42 -26.31 -2.31 21.96
N TRP A 43 -26.22 -1.56 20.86
CA TRP A 43 -27.36 -1.29 19.99
C TRP A 43 -27.48 -2.29 18.85
N LEU A 44 -26.35 -2.69 18.26
CA LEU A 44 -26.37 -3.51 17.05
C LEU A 44 -26.37 -4.99 17.36
N LYS A 45 -25.85 -5.40 18.51
CA LYS A 45 -25.95 -6.79 19.00
C LYS A 45 -25.49 -7.80 17.96
N VAL A 46 -24.36 -7.51 17.32
CA VAL A 46 -23.74 -8.49 16.41
C VAL A 46 -23.27 -9.68 17.23
N PRO A 47 -23.54 -10.91 16.81
CA PRO A 47 -23.06 -12.08 17.57
C PRO A 47 -21.54 -12.18 17.55
N THR A 48 -21.00 -12.84 18.58
CA THR A 48 -19.56 -12.76 18.80
C THR A 48 -18.76 -13.38 17.66
N GLU A 49 -19.28 -14.42 17.01
CA GLU A 49 -18.58 -15.02 15.88
C GLU A 49 -18.29 -13.97 14.81
N SER A 50 -19.30 -13.20 14.41
CA SER A 50 -19.08 -12.13 13.43
C SER A 50 -18.31 -10.98 14.04
N LEU A 51 -18.62 -10.61 15.28
CA LEU A 51 -17.96 -9.46 15.90
C LEU A 51 -16.46 -9.70 16.05
N ASP A 52 -16.05 -10.93 16.33
CA ASP A 52 -14.63 -11.24 16.48
C ASP A 52 -13.88 -11.03 15.17
N VAL A 53 -14.52 -11.35 14.05
CA VAL A 53 -13.93 -11.09 12.75
C VAL A 53 -13.77 -9.59 12.54
N ILE A 54 -14.82 -8.81 12.85
CA ILE A 54 -14.77 -7.38 12.63
C ILE A 54 -13.70 -6.73 13.49
N ILE A 55 -13.60 -7.15 14.75
CA ILE A 55 -12.59 -6.62 15.65
C ILE A 55 -11.19 -6.94 15.14
N LYS A 56 -10.98 -8.16 14.65
CA LYS A 56 -9.68 -8.54 14.12
C LYS A 56 -9.32 -7.71 12.89
N VAL A 57 -10.29 -7.52 12.00
CA VAL A 57 -10.08 -6.74 10.78
C VAL A 57 -9.65 -5.32 11.13
N ILE A 58 -10.38 -4.68 12.06
CA ILE A 58 -10.10 -3.29 12.42
C ILE A 58 -8.74 -3.16 13.10
N SER A 59 -8.40 -4.09 14.00
CA SER A 59 -7.08 -4.08 14.62
C SER A 59 -5.98 -4.20 13.58
N MET A 60 -6.15 -5.14 12.63
CA MET A 60 -5.17 -5.33 11.58
C MET A 60 -4.96 -4.07 10.78
N LEU A 61 -6.06 -3.46 10.33
CA LEU A 61 -5.96 -2.28 9.49
C LEU A 61 -5.39 -1.11 10.27
N HIS A 62 -5.73 -1.02 11.55
CA HIS A 62 -5.19 0.07 12.38
C HIS A 62 -3.68 -0.05 12.49
N THR A 63 -3.19 -1.22 12.90
CA THR A 63 -1.75 -1.40 13.06
C THR A 63 -1.01 -1.20 11.74
N ALA A 64 -1.59 -1.70 10.65
CA ALA A 64 -0.94 -1.54 9.35
C ALA A 64 -0.89 -0.08 8.95
N THR A 65 -1.95 0.68 9.25
CA THR A 65 -1.97 2.10 8.91
C THR A 65 -0.92 2.87 9.72
N LEU A 66 -0.69 2.45 10.97
CA LEU A 66 0.34 3.09 11.78
C LEU A 66 1.72 2.84 11.18
N LEU A 67 1.99 1.61 10.75
CA LEU A 67 3.26 1.28 10.10
C LEU A 67 3.54 2.23 8.97
N ILE A 68 2.54 2.44 8.11
CA ILE A 68 2.73 3.24 6.92
C ILE A 68 2.78 4.73 7.29
N ASP A 69 1.91 5.16 8.19
CA ASP A 69 1.90 6.57 8.60
C ASP A 69 3.25 6.97 9.19
N ASP A 70 3.82 6.13 10.04
CA ASP A 70 5.10 6.47 10.63
C ASP A 70 6.17 6.62 9.56
N ILE A 71 6.09 5.87 8.46
CA ILE A 71 7.07 6.02 7.39
C ILE A 71 6.82 7.31 6.62
N GLN A 72 5.58 7.52 6.17
CA GLN A 72 5.23 8.72 5.40
C GLN A 72 5.48 9.99 6.21
N ASP A 73 5.29 9.93 7.53
CA ASP A 73 5.54 11.08 8.41
C ASP A 73 6.98 11.16 8.89
N GLN A 74 7.78 10.12 8.64
CA GLN A 74 9.16 10.07 9.14
C GLN A 74 9.23 10.22 10.65
N SER A 75 8.28 9.60 11.36
CA SER A 75 8.26 9.62 12.82
C SER A 75 9.44 8.82 13.37
N ILE A 76 9.70 9.03 14.67
CA ILE A 76 10.82 8.41 15.36
C ILE A 76 10.35 7.47 16.45
N LEU A 77 9.28 7.82 17.16
CA LEU A 77 8.74 7.00 18.24
C LEU A 77 7.27 6.70 17.98
N ARG A 78 6.83 5.55 18.49
CA ARG A 78 5.44 5.12 18.39
C ARG A 78 5.16 4.29 19.63
N ARG A 79 4.12 4.68 20.38
CA ARG A 79 3.83 4.08 21.69
C ARG A 79 5.07 4.07 22.59
N GLY A 80 5.85 5.15 22.50
CA GLY A 80 7.05 5.29 23.33
C GLY A 80 8.21 4.38 22.97
N GLN A 81 8.13 3.64 21.86
CA GLN A 81 9.17 2.71 21.42
C GLN A 81 9.61 3.10 20.01
N PRO A 82 10.71 2.55 19.50
CA PRO A 82 11.14 2.94 18.15
C PRO A 82 10.07 2.54 17.14
N VAL A 83 9.88 3.40 16.13
CA VAL A 83 8.99 3.07 15.04
C VAL A 83 9.52 1.81 14.34
N ALA A 84 8.61 1.01 13.79
CA ALA A 84 9.01 -0.28 13.24
C ALA A 84 10.06 -0.14 12.16
N HIS A 85 9.99 0.93 11.35
CA HIS A 85 10.91 1.04 10.23
C HIS A 85 12.29 1.46 10.68
N SER A 86 12.45 1.95 11.90
CA SER A 86 13.80 2.23 12.36
C SER A 86 14.49 0.96 12.80
N ILE A 87 13.76 -0.15 12.88
CA ILE A 87 14.34 -1.45 13.09
C ILE A 87 14.45 -2.23 11.78
N PHE A 88 13.33 -2.36 11.05
CA PHE A 88 13.27 -3.21 9.87
C PHE A 88 13.56 -2.48 8.56
N GLY A 89 13.74 -1.16 8.58
CA GLY A 89 13.87 -0.37 7.37
C GLY A 89 12.52 -0.02 6.78
N THR A 90 12.49 1.05 5.98
CA THR A 90 11.21 1.55 5.48
C THR A 90 10.58 0.62 4.46
N ALA A 91 11.39 -0.08 3.66
CA ALA A 91 10.81 -0.88 2.59
C ALA A 91 10.07 -2.09 3.15
N GLN A 92 10.69 -2.82 4.08
CA GLN A 92 10.00 -3.98 4.64
C GLN A 92 8.80 -3.57 5.48
N ALA A 93 8.92 -2.47 6.23
CA ALA A 93 7.80 -2.04 7.05
C ALA A 93 6.63 -1.59 6.19
N MET A 94 6.92 -0.87 5.11
CA MET A 94 5.88 -0.46 4.17
C MET A 94 5.22 -1.67 3.50
N ASN A 95 6.04 -2.61 3.03
CA ASN A 95 5.46 -3.80 2.39
C ASN A 95 4.62 -4.59 3.38
N SER A 96 5.08 -4.68 4.63
CA SER A 96 4.33 -5.44 5.63
C SER A 96 2.97 -4.79 5.90
N GLY A 97 2.94 -3.47 6.03
CA GLY A 97 1.66 -2.79 6.23
C GLY A 97 0.70 -3.03 5.07
N ASN A 98 1.18 -2.84 3.84
CA ASN A 98 0.30 -2.99 2.70
C ASN A 98 -0.13 -4.45 2.51
N TYR A 99 0.77 -5.40 2.76
CA TYR A 99 0.39 -6.81 2.82
C TYR A 99 -0.82 -7.02 3.73
N VAL A 100 -0.75 -6.48 4.95
CA VAL A 100 -1.81 -6.71 5.93
C VAL A 100 -3.14 -6.12 5.46
N TYR A 101 -3.10 -5.04 4.67
CA TYR A 101 -4.35 -4.53 4.08
C TYR A 101 -5.06 -5.62 3.29
N PHE A 102 -4.31 -6.48 2.62
CA PHE A 102 -4.97 -7.54 1.86
C PHE A 102 -5.24 -8.77 2.70
N LEU A 103 -4.43 -9.05 3.72
CA LEU A 103 -4.81 -10.09 4.67
C LEU A 103 -6.11 -9.74 5.37
N ALA A 104 -6.33 -8.45 5.65
CA ALA A 104 -7.56 -8.05 6.31
C ALA A 104 -8.76 -8.21 5.38
N LEU A 105 -8.57 -7.98 4.09
CA LEU A 105 -9.65 -8.20 3.13
C LEU A 105 -10.01 -9.68 3.05
N ARG A 106 -9.00 -10.55 3.07
CA ARG A 106 -9.26 -11.98 3.15
C ARG A 106 -10.04 -12.33 4.42
N GLU A 107 -9.75 -11.64 5.52
CA GLU A 107 -10.49 -11.87 6.76
C GLU A 107 -11.95 -11.43 6.64
N VAL A 108 -12.19 -10.26 6.03
CA VAL A 108 -13.56 -9.78 5.84
C VAL A 108 -14.38 -10.76 5.02
N GLN A 109 -13.75 -11.42 4.05
CA GLN A 109 -14.45 -12.41 3.22
C GLN A 109 -15.04 -13.54 4.06
N LYS A 110 -14.49 -13.80 5.24
CA LYS A 110 -15.04 -14.83 6.13
C LYS A 110 -16.46 -14.51 6.57
N LEU A 111 -16.90 -13.26 6.46
CA LEU A 111 -18.28 -12.97 6.82
C LEU A 111 -19.25 -13.47 5.76
N GLN A 112 -18.77 -13.80 4.56
CA GLN A 112 -19.60 -14.21 3.44
C GLN A 112 -20.77 -13.25 3.28
N ASN A 113 -20.44 -11.97 3.26
CA ASN A 113 -21.42 -10.89 3.21
C ASN A 113 -21.02 -9.99 2.05
N PRO A 114 -21.73 -10.02 0.93
CA PRO A 114 -21.26 -9.25 -0.23
C PRO A 114 -21.18 -7.76 0.04
N LYS A 115 -22.11 -7.21 0.83
CA LYS A 115 -22.04 -5.79 1.17
C LYS A 115 -20.77 -5.45 1.94
N ALA A 116 -20.29 -6.37 2.78
CA ALA A 116 -19.08 -6.10 3.56
C ALA A 116 -17.86 -5.87 2.68
N ILE A 117 -17.78 -6.56 1.54
CA ILE A 117 -16.66 -6.35 0.62
C ILE A 117 -16.68 -4.92 0.08
N SER A 118 -17.85 -4.47 -0.37
CA SER A 118 -17.96 -3.12 -0.90
C SER A 118 -17.66 -2.06 0.16
N ILE A 119 -18.09 -2.32 1.39
CA ILE A 119 -17.79 -1.40 2.49
C ILE A 119 -16.28 -1.31 2.72
N TYR A 120 -15.60 -2.45 2.70
CA TYR A 120 -14.15 -2.47 2.89
C TYR A 120 -13.46 -1.66 1.79
N VAL A 121 -13.81 -1.93 0.52
CA VAL A 121 -13.17 -1.22 -0.59
C VAL A 121 -13.40 0.27 -0.47
N ASP A 122 -14.65 0.68 -0.21
CA ASP A 122 -14.94 2.10 -0.11
C ASP A 122 -14.15 2.76 1.03
N SER A 123 -13.92 2.03 2.12
CA SER A 123 -13.19 2.61 3.24
C SER A 123 -11.70 2.72 2.94
N LEU A 124 -11.13 1.70 2.30
CA LEU A 124 -9.72 1.79 1.94
C LEU A 124 -9.50 2.89 0.91
N ILE A 125 -10.48 3.09 0.02
CA ILE A 125 -10.44 4.21 -0.92
C ILE A 125 -10.45 5.53 -0.16
N ASP A 126 -11.36 5.67 0.82
CA ASP A 126 -11.42 6.91 1.59
C ASP A 126 -10.14 7.14 2.39
N LEU A 127 -9.60 6.07 2.97
CA LEU A 127 -8.39 6.22 3.77
C LEU A 127 -7.27 6.85 2.94
N HIS A 128 -7.08 6.37 1.71
CA HIS A 128 -6.02 6.86 0.84
C HIS A 128 -6.33 8.24 0.31
N ARG A 129 -7.61 8.56 0.14
CA ARG A 129 -7.99 9.91 -0.25
C ARG A 129 -7.63 10.90 0.84
N GLY A 130 -7.80 10.52 2.11
CA GLY A 130 -7.43 11.40 3.20
C GLY A 130 -5.93 11.57 3.30
N GLN A 131 -5.19 10.46 3.29
CA GLN A 131 -3.73 10.54 3.33
C GLN A 131 -3.19 11.34 2.15
N GLY A 132 -3.80 11.20 0.99
CA GLY A 132 -3.28 11.87 -0.20
C GLY A 132 -3.44 13.38 -0.09
N MET A 133 -4.59 13.84 0.43
CA MET A 133 -4.77 15.28 0.54
C MET A 133 -3.91 15.85 1.64
N GLU A 134 -3.74 15.10 2.73
CA GLU A 134 -2.86 15.57 3.80
C GLU A 134 -1.44 15.74 3.28
N LEU A 135 -0.93 14.75 2.55
CA LEU A 135 0.40 14.85 1.98
C LEU A 135 0.48 15.98 0.96
N PHE A 136 -0.57 16.16 0.16
CA PHE A 136 -0.55 17.21 -0.86
C PHE A 136 -0.32 18.58 -0.25
N TRP A 137 -1.08 18.90 0.82
CA TRP A 137 -0.92 20.18 1.50
C TRP A 137 0.46 20.28 2.15
N ARG A 138 0.89 19.21 2.82
CA ARG A 138 2.18 19.21 3.48
C ARG A 138 3.30 19.54 2.50
N ASP A 139 3.33 18.84 1.36
CA ASP A 139 4.43 18.99 0.41
C ASP A 139 4.37 20.31 -0.33
N SER A 140 3.18 20.86 -0.54
CA SER A 140 3.04 22.10 -1.27
C SER A 140 3.10 23.33 -0.37
N LEU A 141 3.19 23.13 0.95
CA LEU A 141 3.27 24.22 1.93
C LEU A 141 2.05 25.12 1.84
N MET A 142 0.91 24.55 1.51
CA MET A 142 -0.31 25.33 1.36
C MET A 142 -1.23 24.96 2.50
N CYS A 143 -1.50 25.92 3.34
CA CYS A 143 -2.34 25.70 4.51
C CYS A 143 -3.78 25.49 4.08
N PRO A 144 -4.39 24.34 4.33
CA PRO A 144 -5.81 24.18 4.03
C PRO A 144 -6.67 25.06 4.93
N THR A 145 -7.92 25.26 4.52
CA THR A 145 -8.90 25.81 5.46
C THR A 145 -9.27 24.74 6.47
N GLU A 146 -9.94 25.18 7.54
CA GLU A 146 -10.43 24.24 8.54
C GLU A 146 -11.42 23.25 7.93
N GLU A 147 -12.28 23.74 7.02
CA GLU A 147 -13.27 22.89 6.40
C GLU A 147 -12.63 21.82 5.51
N GLN A 148 -11.62 22.20 4.74
CA GLN A 148 -10.85 21.20 3.99
C GLN A 148 -10.21 20.20 4.94
N TYR A 149 -9.67 20.67 6.07
CA TYR A 149 -8.99 19.75 6.97
C TYR A 149 -9.98 18.72 7.50
N LEU A 150 -11.18 19.15 7.87
CA LEU A 150 -12.16 18.22 8.43
C LEU A 150 -12.65 17.21 7.40
N ASP A 151 -12.79 17.63 6.13
CA ASP A 151 -13.11 16.66 5.08
C ASP A 151 -12.03 15.62 4.95
N MET A 152 -10.76 16.03 5.05
CA MET A 152 -9.68 15.05 4.98
C MET A 152 -9.74 14.11 6.19
N VAL A 153 -9.96 14.67 7.39
CA VAL A 153 -10.05 13.83 8.59
C VAL A 153 -11.21 12.85 8.48
N ALA A 154 -12.34 13.31 7.95
CA ALA A 154 -13.48 12.43 7.77
C ALA A 154 -13.14 11.22 6.91
N ASN A 155 -12.30 11.43 5.86
CA ASN A 155 -11.89 10.34 4.99
C ASN A 155 -10.90 9.42 5.68
N LYS A 156 -9.91 10.01 6.36
CA LYS A 156 -8.80 9.29 6.96
C LYS A 156 -9.18 8.65 8.27
N THR A 157 -8.95 9.36 9.38
CA THR A 157 -9.32 8.85 10.70
C THR A 157 -10.76 8.37 10.76
N GLY A 158 -11.69 9.14 10.15
CA GLY A 158 -13.08 8.73 10.10
C GLY A 158 -13.32 7.45 9.30
N GLY A 159 -12.49 7.19 8.30
CA GLY A 159 -12.71 6.03 7.44
C GLY A 159 -12.68 4.71 8.19
N LEU A 160 -11.78 4.57 9.17
CA LEU A 160 -11.69 3.33 9.95
C LEU A 160 -12.78 3.22 11.00
N PHE A 161 -13.09 4.32 11.70
CA PHE A 161 -14.24 4.34 12.60
C PHE A 161 -15.49 3.90 11.84
N CYS A 162 -15.71 4.51 10.67
CA CYS A 162 -16.89 4.20 9.88
C CYS A 162 -16.86 2.76 9.38
N LEU A 163 -15.69 2.28 8.98
CA LEU A 163 -15.60 0.90 8.52
C LEU A 163 -16.08 -0.07 9.60
N ALA A 164 -15.64 0.14 10.83
CA ALA A 164 -15.99 -0.78 11.90
C ALA A 164 -17.49 -0.87 12.06
N ILE A 165 -18.15 0.29 12.14
CA ILE A 165 -19.58 0.30 12.41
C ILE A 165 -20.38 -0.06 11.16
N GLN A 166 -19.88 0.27 9.97
CA GLN A 166 -20.58 -0.16 8.76
C GLN A 166 -20.57 -1.68 8.62
N LEU A 167 -19.47 -2.34 8.99
CA LEU A 167 -19.46 -3.79 8.96
C LEU A 167 -20.43 -4.36 10.01
N MET A 168 -20.47 -3.74 11.19
CA MET A 168 -21.46 -4.14 12.18
C MET A 168 -22.87 -4.00 11.63
N GLN A 169 -23.18 -2.87 11.00
CA GLN A 169 -24.53 -2.67 10.45
C GLN A 169 -24.83 -3.71 9.37
N ALA A 170 -23.82 -4.11 8.60
CA ALA A 170 -24.06 -5.12 7.57
C ALA A 170 -24.35 -6.49 8.17
N GLU A 171 -24.04 -6.68 9.45
CA GLU A 171 -24.28 -7.93 10.17
C GLU A 171 -25.44 -7.82 11.15
N ALA A 172 -26.28 -6.80 11.00
CA ALA A 172 -27.44 -6.58 11.87
C ALA A 172 -28.62 -6.20 11.00
N THR A 173 -29.83 -6.48 11.49
CA THR A 173 -31.02 -6.17 10.72
C THR A 173 -31.66 -4.84 11.09
N ILE A 174 -31.22 -4.20 12.17
CA ILE A 174 -31.80 -2.91 12.53
C ILE A 174 -31.58 -1.91 11.39
N GLN A 175 -32.57 -1.06 11.15
CA GLN A 175 -32.52 -0.14 10.04
C GLN A 175 -32.31 1.29 10.54
N VAL A 176 -31.33 1.47 11.40
CA VAL A 176 -30.94 2.78 11.91
C VAL A 176 -29.54 3.08 11.36
N ASP A 177 -29.31 4.33 10.98
CA ASP A 177 -28.04 4.76 10.41
C ASP A 177 -27.17 5.34 11.52
N PHE A 178 -26.16 4.58 11.94
CA PHE A 178 -25.25 5.02 12.99
C PHE A 178 -24.02 5.73 12.45
N ILE A 179 -23.87 5.86 11.14
CA ILE A 179 -22.62 6.34 10.56
C ILE A 179 -22.39 7.84 10.80
N PRO A 180 -23.39 8.72 10.65
CA PRO A 180 -23.14 10.13 10.99
C PRO A 180 -22.55 10.30 12.36
N LEU A 181 -23.06 9.54 13.35
CA LEU A 181 -22.53 9.65 14.70
C LEU A 181 -21.09 9.17 14.79
N VAL A 182 -20.79 8.02 14.18
CA VAL A 182 -19.43 7.51 14.34
C VAL A 182 -18.44 8.39 13.58
N ARG A 183 -18.84 8.94 12.43
CA ARG A 183 -17.97 9.87 11.73
C ARG A 183 -17.66 11.08 12.61
N LEU A 184 -18.68 11.61 13.28
CA LEU A 184 -18.48 12.72 14.21
C LEU A 184 -17.51 12.33 15.32
N LEU A 185 -17.62 11.11 15.84
CA LEU A 185 -16.70 10.69 16.90
C LEU A 185 -15.27 10.58 16.37
N GLY A 186 -15.11 10.15 15.12
CA GLY A 186 -13.78 10.07 14.54
C GLY A 186 -13.15 11.43 14.34
N ILE A 187 -13.96 12.42 13.97
CA ILE A 187 -13.46 13.77 13.84
C ILE A 187 -13.04 14.33 15.19
N ILE A 188 -13.90 14.17 16.20
CA ILE A 188 -13.54 14.57 17.56
C ILE A 188 -12.23 13.90 17.99
N PHE A 189 -12.11 12.59 17.73
CA PHE A 189 -10.91 11.87 18.15
C PHE A 189 -9.65 12.44 17.50
N GLN A 190 -9.73 12.79 16.21
CA GLN A 190 -8.56 13.32 15.53
C GLN A 190 -8.20 14.72 16.04
N ILE A 191 -9.20 15.58 16.23
CA ILE A 191 -8.91 16.91 16.75
C ILE A 191 -8.30 16.82 18.15
N CYS A 192 -8.81 15.91 18.99
CA CYS A 192 -8.17 15.70 20.29
C CYS A 192 -6.74 15.22 20.11
N ASP A 193 -6.52 14.33 19.16
CA ASP A 193 -5.18 13.85 18.89
C ASP A 193 -4.25 14.99 18.46
N ASP A 194 -4.74 15.85 17.56
CA ASP A 194 -3.95 17.03 17.16
C ASP A 194 -3.56 17.87 18.37
N TYR A 195 -4.52 18.11 19.24
CA TYR A 195 -4.28 18.93 20.42
C TYR A 195 -3.28 18.24 21.34
N LEU A 196 -3.55 16.97 21.71
CA LEU A 196 -2.69 16.27 22.66
C LEU A 196 -1.28 16.10 22.13
N ASN A 197 -1.11 16.04 20.80
CA ASN A 197 0.23 15.94 20.23
C ASN A 197 1.08 17.12 20.64
N LEU A 198 0.45 18.29 20.81
CA LEU A 198 1.17 19.51 21.15
C LEU A 198 1.13 19.84 22.65
N LYS A 199 0.22 19.23 23.42
CA LYS A 199 -0.01 19.64 24.80
C LYS A 199 0.15 18.56 25.87
N SER A 200 0.03 17.28 25.52
CA SER A 200 0.04 16.22 26.54
C SER A 200 1.43 15.66 26.77
N THR A 201 1.84 15.59 28.05
CA THR A 201 3.13 15.00 28.41
C THR A 201 3.21 13.53 28.05
N ALA A 202 2.10 12.78 28.23
CA ALA A 202 2.12 11.38 27.82
C ALA A 202 2.35 11.25 26.31
N TYR A 203 1.80 12.18 25.52
CA TYR A 203 2.06 12.17 24.08
C TYR A 203 3.51 12.55 23.78
N THR A 204 4.11 13.43 24.59
CA THR A 204 5.53 13.72 24.46
C THR A 204 6.37 12.45 24.71
N ASP A 205 6.02 11.68 25.74
CA ASP A 205 6.70 10.41 25.99
C ASP A 205 6.47 9.40 24.86
N ASN A 206 5.28 9.43 24.25
CA ASN A 206 4.90 8.40 23.29
C ASN A 206 5.47 8.65 21.89
N LYS A 207 5.59 9.91 21.47
CA LYS A 207 5.98 10.24 20.11
C LYS A 207 7.06 11.32 20.01
N GLY A 208 7.48 11.92 21.12
CA GLY A 208 8.36 13.05 21.08
C GLY A 208 7.60 14.36 21.27
N LEU A 209 8.35 15.41 21.57
CA LEU A 209 7.73 16.72 21.81
C LEU A 209 7.17 17.27 20.50
N CYS A 210 5.88 17.56 20.48
CA CYS A 210 5.25 18.30 19.36
C CYS A 210 5.63 17.70 18.01
N GLU A 211 5.56 16.38 17.89
CA GLU A 211 6.06 15.74 16.69
C GLU A 211 5.31 16.17 15.42
N ASP A 212 4.08 16.69 15.55
CA ASP A 212 3.41 17.19 14.35
C ASP A 212 4.19 18.33 13.70
N LEU A 213 4.94 19.10 14.50
CA LEU A 213 5.77 20.16 13.91
C LEU A 213 6.94 19.57 13.13
N THR A 214 7.64 18.60 13.73
CA THR A 214 8.71 17.90 13.03
C THR A 214 8.21 17.35 11.70
N GLU A 215 6.98 16.87 11.66
CA GLU A 215 6.45 16.23 10.47
C GLU A 215 5.85 17.22 9.48
N GLY A 216 5.81 18.51 9.81
CA GLY A 216 5.32 19.48 8.84
C GLY A 216 3.83 19.46 8.60
N LYS A 217 3.06 18.92 9.55
CA LYS A 217 1.63 18.70 9.37
C LYS A 217 0.78 19.93 9.67
N PHE A 218 -0.16 20.22 8.78
CA PHE A 218 -1.20 21.21 9.04
C PHE A 218 -2.30 20.54 9.85
N SER A 219 -2.09 20.48 11.17
CA SER A 219 -3.10 19.93 12.06
C SER A 219 -4.09 21.02 12.49
N PHE A 220 -5.13 20.62 13.23
CA PHE A 220 -6.24 21.54 13.50
C PHE A 220 -5.80 22.83 14.20
N PRO A 221 -5.07 22.79 15.32
CA PRO A 221 -4.66 24.06 15.94
C PRO A 221 -3.60 24.80 15.15
N ILE A 222 -2.76 24.07 14.40
CA ILE A 222 -1.72 24.72 13.60
C ILE A 222 -2.36 25.55 12.50
N ILE A 223 -3.38 25.01 11.84
CA ILE A 223 -4.13 25.74 10.82
C ILE A 223 -4.71 27.02 11.41
N HIS A 224 -5.36 26.90 12.57
CA HIS A 224 -5.98 28.08 13.17
C HIS A 224 -4.93 29.15 13.46
N SER A 225 -3.80 28.75 14.03
CA SER A 225 -2.74 29.70 14.34
C SER A 225 -2.18 30.38 13.09
N ILE A 226 -1.91 29.58 12.05
CA ILE A 226 -1.37 30.16 10.80
C ILE A 226 -2.35 31.17 10.23
N ARG A 227 -3.61 30.79 10.14
CA ARG A 227 -4.60 31.67 9.52
C ARG A 227 -5.03 32.83 10.41
N SER A 228 -4.72 32.79 11.71
CA SER A 228 -5.17 33.89 12.56
C SER A 228 -4.38 35.16 12.29
N ASN A 229 -3.16 35.03 11.75
CA ASN A 229 -2.37 36.21 11.40
C ASN A 229 -1.53 35.87 10.18
N PRO A 230 -2.09 36.09 8.98
CA PRO A 230 -1.35 35.73 7.76
C PRO A 230 -0.12 36.58 7.52
N GLY A 231 -0.04 37.76 8.13
CA GLY A 231 1.13 38.62 7.98
C GLY A 231 2.33 38.14 8.76
N ASN A 232 2.12 37.26 9.74
CA ASN A 232 3.20 36.61 10.45
C ASN A 232 3.35 35.20 9.87
N ARG A 233 4.53 34.90 9.33
N ARG A 233 4.53 34.90 9.35
CA ARG A 233 4.75 33.62 8.65
CA ARG A 233 4.78 33.65 8.65
C ARG A 233 5.75 32.74 9.38
C ARG A 233 5.76 32.75 9.38
N GLN A 234 5.96 32.98 10.68
CA GLN A 234 6.93 32.20 11.44
C GLN A 234 6.50 30.74 11.55
N LEU A 235 5.23 30.50 11.85
CA LEU A 235 4.80 29.12 12.12
C LEU A 235 4.80 28.28 10.84
N ILE A 236 4.30 28.84 9.73
CA ILE A 236 4.31 28.03 8.52
C ILE A 236 5.75 27.79 8.06
N ASN A 237 6.64 28.76 8.29
CA ASN A 237 8.04 28.53 7.93
C ASN A 237 8.69 27.51 8.85
N ILE A 238 8.28 27.45 10.12
CA ILE A 238 8.76 26.37 10.98
C ILE A 238 8.32 25.02 10.44
N LEU A 239 7.05 24.91 10.01
CA LEU A 239 6.58 23.66 9.42
C LEU A 239 7.47 23.26 8.24
N LYS A 240 7.76 24.22 7.36
CA LYS A 240 8.65 23.95 6.23
C LYS A 240 9.96 23.33 6.68
N GLN A 241 10.50 23.78 7.82
CA GLN A 241 11.83 23.34 8.25
C GLN A 241 11.83 21.97 8.91
N LYS A 242 10.67 21.40 9.20
CA LYS A 242 10.57 20.08 9.81
C LYS A 242 11.56 19.93 10.98
N PRO A 243 11.44 20.78 12.01
CA PRO A 243 12.51 20.85 13.01
C PRO A 243 12.51 19.64 13.93
N ARG A 244 13.69 19.05 14.13
CA ARG A 244 13.88 18.08 15.21
C ARG A 244 14.29 18.74 16.51
N GLU A 245 14.68 20.02 16.49
CA GLU A 245 15.16 20.73 17.67
C GLU A 245 14.00 21.09 18.60
N ASP A 246 14.18 20.81 19.89
CA ASP A 246 13.13 21.16 20.85
C ASP A 246 12.97 22.68 21.01
N ASP A 247 14.03 23.45 20.81
CA ASP A 247 13.96 24.91 20.96
C ASP A 247 13.00 25.53 19.93
N ILE A 248 13.12 25.13 18.67
CA ILE A 248 12.19 25.61 17.65
C ILE A 248 10.76 25.19 17.99
N LYS A 249 10.59 23.93 18.40
CA LYS A 249 9.24 23.44 18.69
C LYS A 249 8.62 24.20 19.86
N ARG A 250 9.43 24.49 20.89
CA ARG A 250 8.91 25.24 22.03
C ARG A 250 8.54 26.65 21.62
N TYR A 251 9.36 27.27 20.76
CA TYR A 251 9.00 28.58 20.23
C TYR A 251 7.68 28.50 19.46
N ALA A 252 7.51 27.46 18.63
CA ALA A 252 6.26 27.35 17.88
C ALA A 252 5.08 27.19 18.82
N LEU A 253 5.22 26.32 19.83
CA LEU A 253 4.15 26.09 20.79
C LEU A 253 3.75 27.39 21.48
N SER A 254 4.74 28.19 21.89
CA SER A 254 4.45 29.49 22.48
C SER A 254 3.76 30.42 21.50
N TYR A 255 4.13 30.37 20.21
CA TYR A 255 3.44 31.19 19.24
C TYR A 255 1.97 30.79 19.16
N MET A 256 1.71 29.49 19.16
CA MET A 256 0.34 29.01 19.02
C MET A 256 -0.53 29.38 20.21
N GLU A 257 0.06 29.45 21.41
CA GLU A 257 -0.68 29.97 22.56
C GLU A 257 -0.96 31.46 22.42
N SER A 258 -0.05 32.20 21.80
CA SER A 258 -0.29 33.64 21.61
C SER A 258 -1.43 33.89 20.64
N THR A 259 -1.74 32.95 19.75
CA THR A 259 -2.87 33.08 18.84
C THR A 259 -4.13 32.42 19.39
N ASN A 260 -4.06 31.86 20.62
CA ASN A 260 -5.22 31.26 21.27
CA ASN A 260 -5.19 31.25 21.33
C ASN A 260 -5.74 30.05 20.55
N SER A 261 -4.84 29.35 19.91
CA SER A 261 -5.28 28.24 19.09
C SER A 261 -5.67 27.04 19.92
N PHE A 262 -5.21 26.95 21.16
CA PHE A 262 -5.60 25.83 21.99
C PHE A 262 -6.97 26.06 22.61
N GLU A 263 -7.27 27.29 23.06
CA GLU A 263 -8.63 27.57 23.50
C GLU A 263 -9.60 27.42 22.35
N TYR A 264 -9.21 27.89 21.16
CA TYR A 264 -10.06 27.71 19.98
C TYR A 264 -10.38 26.23 19.78
N THR A 265 -9.36 25.38 19.89
CA THR A 265 -9.56 23.96 19.65
C THR A 265 -10.43 23.32 20.74
N ARG A 266 -10.22 23.70 22.00
CA ARG A 266 -11.09 23.20 23.07
C ARG A 266 -12.54 23.58 22.81
N GLY A 267 -12.79 24.82 22.38
CA GLY A 267 -14.15 25.25 22.13
C GLY A 267 -14.81 24.49 20.98
N VAL A 268 -14.05 24.16 19.93
CA VAL A 268 -14.65 23.39 18.84
C VAL A 268 -14.98 21.99 19.31
N VAL A 269 -14.08 21.36 20.06
CA VAL A 269 -14.35 20.02 20.56
C VAL A 269 -15.60 20.02 21.45
N ARG A 270 -15.74 21.05 22.30
CA ARG A 270 -16.96 21.20 23.11
C ARG A 270 -18.21 21.22 22.23
N LYS A 271 -18.19 22.01 21.16
CA LYS A 271 -19.36 22.11 20.29
C LYS A 271 -19.67 20.78 19.63
N LEU A 272 -18.64 20.06 19.19
CA LEU A 272 -18.87 18.77 18.52
C LEU A 272 -19.35 17.70 19.50
N LYS A 273 -18.82 17.71 20.73
CA LYS A 273 -19.30 16.78 21.75
C LYS A 273 -20.77 17.02 22.07
N THR A 274 -21.18 18.29 22.11
CA THR A 274 -22.59 18.60 22.30
C THR A 274 -23.44 18.03 21.17
N GLU A 275 -22.95 18.15 19.93
CA GLU A 275 -23.65 17.53 18.81
C GLU A 275 -23.69 16.01 18.95
N ALA A 276 -22.59 15.43 19.44
CA ALA A 276 -22.54 13.98 19.58
C ALA A 276 -23.57 13.50 20.60
N ILE A 277 -23.60 14.16 21.77
CA ILE A 277 -24.59 13.84 22.80
C ILE A 277 -26.00 14.01 22.27
N ASP A 278 -26.24 15.10 21.53
CA ASP A 278 -27.57 15.31 20.98
C ASP A 278 -27.94 14.21 20.00
N THR A 279 -26.96 13.72 19.23
CA THR A 279 -27.26 12.66 18.27
C THR A 279 -27.56 11.35 18.98
N ILE A 280 -26.79 11.03 20.03
CA ILE A 280 -27.02 9.84 20.82
C ILE A 280 -28.41 9.88 21.44
N GLN A 281 -28.79 11.04 22.00
CA GLN A 281 -30.10 11.17 22.63
C GLN A 281 -31.22 11.01 21.61
N GLY A 282 -31.00 11.50 20.40
CA GLY A 282 -31.99 11.30 19.35
C GLY A 282 -32.18 9.84 18.99
N LEU A 283 -31.07 9.10 18.84
CA LEU A 283 -31.17 7.68 18.52
C LEU A 283 -31.94 6.94 19.60
N GLU A 284 -31.70 7.29 20.87
CA GLU A 284 -32.36 6.61 21.99
C GLU A 284 -33.84 6.99 22.08
N LYS A 285 -34.19 8.25 21.82
CA LYS A 285 -35.60 8.67 21.80
C LYS A 285 -36.41 7.92 20.77
N HIS A 286 -35.78 7.36 19.73
CA HIS A 286 -36.48 6.70 18.66
C HIS A 286 -36.44 5.17 18.77
N GLY A 287 -36.17 4.64 19.96
CA GLY A 287 -36.35 3.23 20.20
C GLY A 287 -35.15 2.45 20.71
N LEU A 288 -33.99 3.06 20.93
CA LEU A 288 -32.81 2.32 21.33
C LEU A 288 -32.60 2.46 22.83
N GLU A 289 -31.99 1.45 23.43
CA GLU A 289 -31.79 1.52 24.88
C GLU A 289 -30.71 2.54 25.20
N GLU A 290 -30.76 3.06 26.42
CA GLU A 290 -29.79 4.07 26.82
C GLU A 290 -28.41 3.43 26.86
N ASN A 291 -27.45 4.11 26.26
CA ASN A 291 -26.12 3.56 26.01
C ASN A 291 -25.12 4.34 26.86
N ILE A 292 -24.78 3.77 28.01
CA ILE A 292 -23.81 4.39 28.92
C ILE A 292 -22.40 4.30 28.34
N GLY A 293 -22.08 3.18 27.69
CA GLY A 293 -20.72 2.97 27.23
C GLY A 293 -20.28 3.99 26.19
N ILE A 294 -21.19 4.38 25.31
CA ILE A 294 -20.80 5.31 24.27
C ILE A 294 -20.59 6.71 24.84
N ARG A 295 -21.30 7.06 25.91
CA ARG A 295 -21.02 8.32 26.61
C ARG A 295 -19.65 8.28 27.28
N LYS A 296 -19.26 7.12 27.81
CA LYS A 296 -17.94 7.02 28.43
C LYS A 296 -16.82 7.15 27.39
N ILE A 297 -17.02 6.58 26.19
CA ILE A 297 -16.04 6.71 25.12
C ILE A 297 -15.91 8.16 24.70
N LEU A 298 -17.05 8.86 24.53
CA LEU A 298 -17.01 10.27 24.19
C LEU A 298 -16.28 11.07 25.26
N ALA A 299 -16.57 10.81 26.53
CA ALA A 299 -15.87 11.50 27.62
C ALA A 299 -14.39 11.17 27.62
N ARG A 300 -14.04 9.92 27.31
CA ARG A 300 -12.65 9.50 27.44
C ARG A 300 -11.78 10.09 26.35
N MET A 301 -12.28 10.16 25.12
CA MET A 301 -11.42 10.63 24.03
C MET A 301 -11.19 12.13 24.13
N SER A 302 -12.11 12.84 24.76
CA SER A 302 -11.97 14.27 25.03
C SER A 302 -11.69 14.55 26.49
N LEU A 303 -11.07 13.59 27.19
CA LEU A 303 -10.89 13.69 28.64
C LEU A 303 -10.06 14.91 29.00
N GLU A 304 -8.83 14.97 28.51
CA GLU A 304 -8.14 16.23 28.41
C GLU A 304 -8.87 17.08 27.36
N LEU A 305 -8.56 18.38 27.32
CA LEU A 305 -9.45 19.34 26.66
C LEU A 305 -10.75 19.46 27.45
N ASP B 1 -27.24 22.64 10.00
CA ASP B 1 -27.06 23.14 11.36
C ASP B 1 -25.81 22.52 12.01
N SER B 2 -25.37 21.39 11.47
CA SER B 2 -24.19 20.71 12.01
C SER B 2 -22.93 21.52 11.76
N TYR B 3 -22.04 21.55 12.76
CA TYR B 3 -20.77 22.26 12.60
C TYR B 3 -19.99 21.76 11.39
N TYR B 4 -20.02 20.46 11.13
CA TYR B 4 -19.31 19.84 10.03
C TYR B 4 -20.29 19.31 8.99
N GLN B 5 -20.06 19.65 7.73
CA GLN B 5 -20.83 19.13 6.59
C GLN B 5 -19.89 18.38 5.66
N ARG B 6 -20.12 17.10 5.47
CA ARG B 6 -19.26 16.30 4.60
C ARG B 6 -19.42 16.74 3.14
N SER B 7 -18.30 16.93 2.46
CA SER B 7 -18.27 17.31 1.06
C SER B 7 -18.06 16.08 0.19
N ASP B 8 -18.57 16.14 -1.03
CA ASP B 8 -18.32 15.08 -2.00
C ASP B 8 -16.89 15.18 -2.54
N TRP B 9 -16.31 14.03 -2.83
CA TRP B 9 -15.02 13.97 -3.51
C TRP B 9 -15.14 14.63 -4.88
N THR B 10 -14.13 15.42 -5.26
CA THR B 10 -14.19 16.18 -6.50
C THR B 10 -13.17 15.65 -7.51
N ALA B 11 -13.40 16.04 -8.77
CA ALA B 11 -12.47 15.70 -9.84
C ALA B 11 -11.09 16.33 -9.61
N ASP B 12 -11.04 17.54 -9.05
CA ASP B 12 -9.75 18.17 -8.77
C ASP B 12 -8.98 17.39 -7.72
N GLU B 13 -9.68 16.86 -6.72
CA GLU B 13 -8.98 16.07 -5.71
C GLU B 13 -8.51 14.73 -6.28
N GLU B 14 -9.35 14.08 -7.10
CA GLU B 14 -8.92 12.85 -7.75
C GLU B 14 -7.66 13.09 -8.58
N GLN B 15 -7.60 14.24 -9.25
CA GLN B 15 -6.44 14.58 -10.08
C GLN B 15 -5.17 14.73 -9.26
N ILE B 16 -5.31 15.25 -8.03
CA ILE B 16 -4.17 15.28 -7.12
C ILE B 16 -3.76 13.88 -6.74
N LEU B 17 -4.72 13.06 -6.28
CA LEU B 17 -4.40 11.71 -5.83
C LEU B 17 -3.73 10.90 -6.92
N LEU B 18 -4.10 11.15 -8.17
CA LEU B 18 -3.59 10.34 -9.27
C LEU B 18 -2.42 11.02 -10.00
N GLY B 19 -1.94 12.15 -9.49
CA GLY B 19 -0.82 12.86 -10.10
C GLY B 19 0.35 11.96 -10.47
N PRO B 20 0.88 11.22 -9.50
CA PRO B 20 1.99 10.30 -9.83
C PRO B 20 1.59 9.19 -10.80
N PHE B 21 0.39 8.63 -10.62
CA PHE B 21 -0.10 7.57 -11.49
C PHE B 21 -0.28 8.08 -12.93
N ASP B 22 -0.95 9.22 -13.09
CA ASP B 22 -1.13 9.78 -14.43
C ASP B 22 0.21 10.10 -15.08
N TYR B 23 1.18 10.58 -14.29
CA TYR B 23 2.50 10.86 -14.84
C TYR B 23 3.09 9.61 -15.48
N LEU B 24 3.09 8.49 -14.75
CA LEU B 24 3.67 7.26 -15.27
C LEU B 24 2.91 6.74 -16.48
N GLU B 25 1.57 6.84 -16.47
CA GLU B 25 0.79 6.41 -17.61
C GLU B 25 1.04 7.24 -18.85
N SER B 26 1.50 8.47 -18.70
CA SER B 26 1.81 9.30 -19.86
C SER B 26 3.14 8.92 -20.50
N LEU B 27 3.90 7.99 -19.91
CA LEU B 27 5.19 7.59 -20.47
C LEU B 27 5.01 6.29 -21.25
N PRO B 28 5.37 6.29 -22.54
CA PRO B 28 5.15 5.09 -23.37
C PRO B 28 5.91 3.88 -22.85
N GLY B 29 5.18 2.76 -22.72
CA GLY B 29 5.76 1.49 -22.35
C GLY B 29 5.57 0.47 -23.47
N LYS B 30 5.97 -0.77 -23.18
CA LYS B 30 5.90 -1.83 -24.18
C LYS B 30 4.55 -2.53 -24.24
N ASN B 31 3.70 -2.37 -23.22
CA ASN B 31 2.34 -2.91 -23.21
C ASN B 31 2.31 -4.40 -23.52
N MET B 32 3.20 -5.14 -22.86
CA MET B 32 3.31 -6.58 -23.16
C MET B 32 2.27 -7.39 -22.40
N ARG B 33 1.79 -6.91 -21.25
CA ARG B 33 0.73 -7.63 -20.56
C ARG B 33 -0.56 -7.59 -21.36
N SER B 34 -0.73 -6.57 -22.20
CA SER B 34 -1.88 -6.51 -23.08
C SER B 34 -1.75 -7.52 -24.22
N GLN B 35 -0.54 -7.71 -24.75
CA GLN B 35 -0.34 -8.74 -25.77
C GLN B 35 -0.53 -10.14 -25.18
N LEU B 36 -0.11 -10.33 -23.93
CA LEU B 36 -0.31 -11.61 -23.26
C LEU B 36 -1.79 -11.93 -23.11
N ILE B 37 -2.56 -10.94 -22.63
CA ILE B 37 -4.00 -11.10 -22.51
C ILE B 37 -4.63 -11.44 -23.86
N GLN B 38 -4.26 -10.69 -24.90
CA GLN B 38 -4.80 -10.96 -26.23
C GLN B 38 -4.46 -12.36 -26.70
N SER B 39 -3.22 -12.82 -26.45
CA SER B 39 -2.81 -14.14 -26.93
CA SER B 39 -2.82 -14.14 -26.94
C SER B 39 -3.55 -15.26 -26.20
N PHE B 40 -3.81 -15.08 -24.90
CA PHE B 40 -4.62 -16.08 -24.21
C PHE B 40 -6.10 -15.96 -24.59
N ASN B 41 -6.53 -14.78 -25.03
CA ASN B 41 -7.95 -14.64 -25.41
C ASN B 41 -8.28 -15.41 -26.68
N THR B 42 -7.28 -15.70 -27.50
CA THR B 42 -7.49 -16.57 -28.66
C THR B 42 -8.13 -17.89 -28.24
N TRP B 43 -7.73 -18.41 -27.07
CA TRP B 43 -8.30 -19.62 -26.49
C TRP B 43 -9.52 -19.35 -25.60
N LEU B 44 -9.47 -18.30 -24.77
CA LEU B 44 -10.48 -18.14 -23.75
C LEU B 44 -11.70 -17.38 -24.25
N LYS B 45 -11.54 -16.53 -25.26
CA LYS B 45 -12.65 -15.82 -25.90
C LYS B 45 -13.56 -15.15 -24.87
N VAL B 46 -12.96 -14.36 -23.99
CA VAL B 46 -13.75 -13.59 -23.02
C VAL B 46 -14.56 -12.53 -23.75
N PRO B 47 -15.83 -12.32 -23.42
CA PRO B 47 -16.60 -11.27 -24.09
C PRO B 47 -15.95 -9.91 -23.92
N THR B 48 -16.10 -9.07 -24.95
CA THR B 48 -15.40 -7.79 -25.04
C THR B 48 -15.59 -6.93 -23.79
N GLU B 49 -16.81 -6.89 -23.26
CA GLU B 49 -17.07 -6.01 -22.12
C GLU B 49 -16.34 -6.48 -20.88
N SER B 50 -16.28 -7.79 -20.64
CA SER B 50 -15.50 -8.29 -19.50
C SER B 50 -14.02 -8.15 -19.76
N LEU B 51 -13.59 -8.37 -21.00
CA LEU B 51 -12.17 -8.32 -21.30
C LEU B 51 -11.63 -6.91 -21.11
N ASP B 52 -12.43 -5.89 -21.45
CA ASP B 52 -12.02 -4.50 -21.28
C ASP B 52 -11.82 -4.16 -19.81
N VAL B 53 -12.67 -4.70 -18.93
CA VAL B 53 -12.49 -4.50 -17.49
C VAL B 53 -11.20 -5.16 -17.01
N ILE B 54 -10.93 -6.37 -17.47
CA ILE B 54 -9.72 -7.06 -17.04
C ILE B 54 -8.48 -6.31 -17.53
N ILE B 55 -8.49 -5.87 -18.79
CA ILE B 55 -7.36 -5.14 -19.33
C ILE B 55 -7.11 -3.86 -18.53
N LYS B 56 -8.17 -3.14 -18.20
CA LYS B 56 -8.05 -1.94 -17.38
C LYS B 56 -7.52 -2.25 -15.99
N VAL B 57 -8.05 -3.30 -15.36
CA VAL B 57 -7.60 -3.68 -14.03
C VAL B 57 -6.10 -3.99 -14.05
N ILE B 58 -5.66 -4.76 -15.04
CA ILE B 58 -4.25 -5.17 -15.09
C ILE B 58 -3.35 -3.97 -15.39
N SER B 59 -3.78 -3.08 -16.29
CA SER B 59 -3.00 -1.86 -16.55
C SER B 59 -2.85 -1.01 -15.29
N MET B 60 -3.96 -0.77 -14.60
CA MET B 60 -3.92 -0.01 -13.35
C MET B 60 -2.93 -0.61 -12.38
N LEU B 61 -3.06 -1.92 -12.12
CA LEU B 61 -2.22 -2.57 -11.13
C LEU B 61 -0.75 -2.56 -11.53
N HIS B 62 -0.47 -2.72 -12.82
CA HIS B 62 0.91 -2.72 -13.28
C HIS B 62 1.58 -1.37 -13.03
N THR B 63 0.94 -0.28 -13.46
CA THR B 63 1.47 1.06 -13.23
C THR B 63 1.63 1.35 -11.74
N ALA B 64 0.61 1.00 -10.95
CA ALA B 64 0.71 1.22 -9.51
C ALA B 64 1.87 0.45 -8.92
N THR B 65 2.08 -0.79 -9.35
CA THR B 65 3.20 -1.59 -8.85
C THR B 65 4.54 -0.95 -9.21
N LEU B 66 4.60 -0.29 -10.37
CA LEU B 66 5.84 0.38 -10.78
C LEU B 66 6.13 1.58 -9.89
N LEU B 67 5.09 2.36 -9.56
CA LEU B 67 5.27 3.48 -8.65
C LEU B 67 5.93 3.03 -7.37
N ILE B 68 5.42 1.94 -6.80
CA ILE B 68 5.87 1.47 -5.49
C ILE B 68 7.24 0.82 -5.62
N ASP B 69 7.41 -0.03 -6.64
CA ASP B 69 8.70 -0.69 -6.86
C ASP B 69 9.83 0.32 -7.01
N ASP B 70 9.59 1.40 -7.78
CA ASP B 70 10.67 2.36 -7.97
C ASP B 70 11.06 3.02 -6.63
N ILE B 71 10.10 3.21 -5.73
CA ILE B 71 10.41 3.77 -4.42
C ILE B 71 11.17 2.77 -3.58
N GLN B 72 10.65 1.53 -3.50
CA GLN B 72 11.26 0.51 -2.65
C GLN B 72 12.69 0.20 -3.09
N ASP B 73 12.94 0.22 -4.40
CA ASP B 73 14.27 -0.03 -4.96
C ASP B 73 15.14 1.22 -5.03
N GLN B 74 14.58 2.39 -4.74
CA GLN B 74 15.28 3.66 -4.87
C GLN B 74 15.80 3.87 -6.30
N SER B 75 14.99 3.49 -7.29
CA SER B 75 15.35 3.69 -8.68
C SER B 75 15.41 5.17 -9.03
N ILE B 76 15.98 5.45 -10.21
CA ILE B 76 16.23 6.81 -10.69
C ILE B 76 15.45 7.09 -11.97
N LEU B 77 15.51 6.17 -12.93
CA LEU B 77 14.82 6.32 -14.20
C LEU B 77 13.77 5.22 -14.35
N ARG B 78 12.72 5.55 -15.09
CA ARG B 78 11.66 4.61 -15.43
C ARG B 78 11.23 4.96 -16.84
N ARG B 79 11.36 4.00 -17.76
CA ARG B 79 11.06 4.24 -19.17
C ARG B 79 11.85 5.43 -19.70
N GLY B 80 13.12 5.52 -19.30
CA GLY B 80 14.01 6.61 -19.70
C GLY B 80 13.68 7.98 -19.14
N GLN B 81 12.66 8.09 -18.30
CA GLN B 81 12.26 9.38 -17.75
C GLN B 81 12.38 9.32 -16.23
N PRO B 82 12.30 10.45 -15.53
CA PRO B 82 12.48 10.41 -14.08
C PRO B 82 11.41 9.53 -13.45
N VAL B 83 11.81 8.76 -12.43
CA VAL B 83 10.81 8.03 -11.66
C VAL B 83 9.84 9.03 -11.04
N ALA B 84 8.60 8.59 -10.86
CA ALA B 84 7.54 9.48 -10.43
C ALA B 84 7.85 10.13 -9.08
N HIS B 85 8.47 9.40 -8.16
CA HIS B 85 8.73 9.98 -6.84
C HIS B 85 9.85 11.02 -6.87
N SER B 86 10.61 11.09 -7.95
CA SER B 86 11.60 12.16 -8.03
C SER B 86 10.96 13.46 -8.48
N ILE B 87 9.70 13.40 -8.90
CA ILE B 87 8.90 14.58 -9.16
C ILE B 87 7.98 14.89 -7.98
N PHE B 88 7.17 13.90 -7.55
CA PHE B 88 6.11 14.12 -6.56
C PHE B 88 6.54 13.81 -5.13
N GLY B 89 7.74 13.25 -4.92
CA GLY B 89 8.12 12.79 -3.60
C GLY B 89 7.66 11.37 -3.35
N THR B 90 8.36 10.68 -2.43
CA THR B 90 8.07 9.27 -2.19
C THR B 90 6.70 9.07 -1.56
N ALA B 91 6.32 9.94 -0.62
CA ALA B 91 5.08 9.70 0.11
C ALA B 91 3.86 9.81 -0.81
N GLN B 92 3.79 10.84 -1.65
CA GLN B 92 2.62 10.94 -2.53
C GLN B 92 2.63 9.86 -3.61
N ALA B 93 3.82 9.51 -4.15
CA ALA B 93 3.88 8.45 -5.15
C ALA B 93 3.46 7.10 -4.54
N MET B 94 3.93 6.81 -3.33
CA MET B 94 3.54 5.56 -2.67
C MET B 94 2.04 5.52 -2.38
N ASN B 95 1.49 6.63 -1.88
CA ASN B 95 0.07 6.65 -1.57
C ASN B 95 -0.76 6.53 -2.84
N SER B 96 -0.32 7.17 -3.92
CA SER B 96 -1.05 7.10 -5.18
C SER B 96 -1.08 5.66 -5.71
N GLY B 97 0.04 4.95 -5.61
CA GLY B 97 0.07 3.57 -6.06
C GLY B 97 -0.84 2.68 -5.24
N ASN B 98 -0.80 2.79 -3.91
CA ASN B 98 -1.63 1.94 -3.09
C ASN B 98 -3.11 2.31 -3.23
N TYR B 99 -3.40 3.60 -3.38
CA TYR B 99 -4.75 4.03 -3.78
C TYR B 99 -5.26 3.26 -5.00
N VAL B 100 -4.44 3.19 -6.05
CA VAL B 100 -4.90 2.56 -7.29
C VAL B 100 -5.15 1.07 -7.10
N TYR B 101 -4.41 0.43 -6.17
CA TYR B 101 -4.73 -0.96 -5.83
C TYR B 101 -6.20 -1.12 -5.45
N PHE B 102 -6.75 -0.16 -4.71
CA PHE B 102 -8.15 -0.26 -4.30
C PHE B 102 -9.12 0.27 -5.33
N LEU B 103 -8.73 1.26 -6.15
CA LEU B 103 -9.56 1.62 -7.30
C LEU B 103 -9.70 0.46 -8.27
N ALA B 104 -8.64 -0.33 -8.45
CA ALA B 104 -8.69 -1.47 -9.35
C ALA B 104 -9.61 -2.56 -8.80
N LEU B 105 -9.59 -2.74 -7.48
CA LEU B 105 -10.53 -3.65 -6.84
C LEU B 105 -11.97 -3.22 -7.09
N ARG B 106 -12.25 -1.93 -7.00
CA ARG B 106 -13.59 -1.44 -7.33
C ARG B 106 -13.93 -1.73 -8.78
N GLU B 107 -12.95 -1.66 -9.66
CA GLU B 107 -13.18 -1.97 -11.07
C GLU B 107 -13.50 -3.45 -11.25
N VAL B 108 -12.77 -4.32 -10.55
CA VAL B 108 -12.96 -5.77 -10.62
C VAL B 108 -14.40 -6.14 -10.28
N GLN B 109 -15.02 -5.40 -9.36
CA GLN B 109 -16.39 -5.70 -8.97
C GLN B 109 -17.38 -5.55 -10.14
N LYS B 110 -16.99 -4.84 -11.21
CA LYS B 110 -17.91 -4.68 -12.33
C LYS B 110 -18.14 -5.96 -13.09
N LEU B 111 -17.22 -6.94 -12.96
CA LEU B 111 -17.46 -8.25 -13.55
C LEU B 111 -18.66 -8.95 -12.91
N GLN B 112 -19.07 -8.54 -11.71
CA GLN B 112 -20.16 -9.18 -10.99
C GLN B 112 -19.97 -10.70 -11.00
N ASN B 113 -18.75 -11.10 -10.65
CA ASN B 113 -18.39 -12.50 -10.61
C ASN B 113 -18.09 -12.89 -9.18
N PRO B 114 -18.81 -13.88 -8.63
CA PRO B 114 -18.62 -14.18 -7.22
C PRO B 114 -17.21 -14.61 -6.89
N LYS B 115 -16.46 -15.12 -7.86
CA LYS B 115 -15.11 -15.61 -7.60
C LYS B 115 -14.04 -14.54 -7.79
N ALA B 116 -14.39 -13.40 -8.38
CA ALA B 116 -13.36 -12.46 -8.83
C ALA B 116 -12.61 -11.83 -7.66
N ILE B 117 -13.32 -11.53 -6.56
CA ILE B 117 -12.66 -10.86 -5.43
C ILE B 117 -11.58 -11.77 -4.84
N SER B 118 -11.90 -13.03 -4.57
CA SER B 118 -10.90 -13.95 -4.04
C SER B 118 -9.69 -14.05 -4.97
N ILE B 119 -9.93 -14.05 -6.28
CA ILE B 119 -8.81 -14.14 -7.22
C ILE B 119 -7.93 -12.90 -7.08
N TYR B 120 -8.55 -11.73 -7.00
CA TYR B 120 -7.80 -10.49 -6.84
C TYR B 120 -7.00 -10.50 -5.55
N VAL B 121 -7.65 -10.89 -4.45
CA VAL B 121 -6.98 -10.83 -3.15
C VAL B 121 -5.81 -11.80 -3.10
N ASP B 122 -6.02 -13.03 -3.59
CA ASP B 122 -4.94 -14.02 -3.60
C ASP B 122 -3.75 -13.52 -4.41
N SER B 123 -4.00 -12.77 -5.49
CA SER B 123 -2.91 -12.26 -6.30
C SER B 123 -2.18 -11.11 -5.62
N LEU B 124 -2.92 -10.21 -4.97
CA LEU B 124 -2.26 -9.11 -4.26
C LEU B 124 -1.47 -9.65 -3.07
N ILE B 125 -1.99 -10.69 -2.43
CA ILE B 125 -1.27 -11.35 -1.35
C ILE B 125 0.03 -11.95 -1.88
N ASP B 126 -0.04 -12.67 -3.02
CA ASP B 126 1.19 -13.23 -3.59
C ASP B 126 2.19 -12.14 -3.96
N LEU B 127 1.71 -11.03 -4.53
CA LEU B 127 2.60 -9.96 -4.94
C LEU B 127 3.39 -9.44 -3.75
N HIS B 128 2.72 -9.21 -2.61
CA HIS B 128 3.40 -8.70 -1.43
C HIS B 128 4.30 -9.74 -0.80
N ARG B 129 3.95 -11.03 -0.91
CA ARG B 129 4.83 -12.07 -0.41
C ARG B 129 6.12 -12.13 -1.21
N GLY B 130 6.03 -11.93 -2.53
CA GLY B 130 7.25 -11.92 -3.33
C GLY B 130 8.11 -10.70 -3.06
N GLN B 131 7.50 -9.52 -3.02
CA GLN B 131 8.25 -8.30 -2.70
C GLN B 131 8.89 -8.40 -1.32
N GLY B 132 8.17 -8.98 -0.35
CA GLY B 132 8.69 -9.03 1.01
C GLY B 132 9.89 -9.94 1.14
N MET B 133 9.88 -11.08 0.44
CA MET B 133 11.04 -11.97 0.49
C MET B 133 12.24 -11.34 -0.23
N GLU B 134 12.00 -10.64 -1.33
CA GLU B 134 13.10 -10.01 -2.04
C GLU B 134 13.75 -8.92 -1.20
N LEU B 135 12.93 -8.10 -0.52
CA LEU B 135 13.48 -7.09 0.38
C LEU B 135 14.20 -7.74 1.55
N PHE B 136 13.66 -8.84 2.08
CA PHE B 136 14.28 -9.55 3.19
C PHE B 136 15.71 -9.96 2.85
N TRP B 137 15.90 -10.58 1.69
CA TRP B 137 17.25 -11.00 1.27
C TRP B 137 18.14 -9.79 1.03
N ARG B 138 17.62 -8.78 0.33
CA ARG B 138 18.41 -7.59 0.04
C ARG B 138 18.95 -6.97 1.33
N ASP B 139 18.05 -6.76 2.31
CA ASP B 139 18.41 -6.05 3.53
C ASP B 139 19.31 -6.87 4.44
N SER B 140 19.17 -8.19 4.44
CA SER B 140 19.99 -9.04 5.30
C SER B 140 21.29 -9.46 4.64
N LEU B 141 21.50 -9.09 3.38
CA LEU B 141 22.69 -9.44 2.61
C LEU B 141 22.85 -10.96 2.51
N MET B 142 21.75 -11.70 2.44
CA MET B 142 21.83 -13.15 2.37
C MET B 142 21.37 -13.59 0.99
N CYS B 143 22.27 -14.20 0.26
CA CYS B 143 21.99 -14.58 -1.11
C CYS B 143 21.04 -15.78 -1.10
N PRO B 144 19.85 -15.69 -1.68
CA PRO B 144 18.99 -16.87 -1.78
C PRO B 144 19.60 -17.91 -2.71
N THR B 145 19.10 -19.14 -2.61
CA THR B 145 19.35 -20.12 -3.67
C THR B 145 18.53 -19.76 -4.89
N GLU B 146 18.90 -20.34 -6.03
CA GLU B 146 18.13 -20.14 -7.26
C GLU B 146 16.67 -20.58 -7.09
N GLU B 147 16.47 -21.69 -6.39
CA GLU B 147 15.11 -22.20 -6.18
C GLU B 147 14.29 -21.25 -5.32
N GLN B 148 14.89 -20.69 -4.27
CA GLN B 148 14.20 -19.69 -3.48
C GLN B 148 13.88 -18.46 -4.33
N TYR B 149 14.82 -18.06 -5.18
CA TYR B 149 14.58 -16.89 -6.03
C TYR B 149 13.37 -17.13 -6.94
N LEU B 150 13.29 -18.31 -7.56
CA LEU B 150 12.20 -18.57 -8.50
C LEU B 150 10.84 -18.62 -7.80
N ASP B 151 10.77 -19.17 -6.59
CA ASP B 151 9.54 -19.11 -5.81
C ASP B 151 9.11 -17.67 -5.54
N MET B 152 10.08 -16.80 -5.27
CA MET B 152 9.77 -15.40 -5.04
C MET B 152 9.28 -14.75 -6.33
N VAL B 153 9.96 -15.02 -7.45
CA VAL B 153 9.52 -14.50 -8.74
C VAL B 153 8.13 -15.02 -9.10
N ALA B 154 7.87 -16.30 -8.82
CA ALA B 154 6.54 -16.84 -9.08
C ALA B 154 5.46 -16.05 -8.35
N ASN B 155 5.74 -15.65 -7.11
CA ASN B 155 4.81 -14.84 -6.33
C ASN B 155 4.68 -13.44 -6.92
N LYS B 156 5.82 -12.83 -7.24
CA LYS B 156 5.90 -11.41 -7.55
C LYS B 156 5.49 -11.16 -9.00
N THR B 157 6.43 -11.30 -9.92
CA THR B 157 6.14 -11.08 -11.34
C THR B 157 5.01 -11.99 -11.83
N GLY B 158 5.01 -13.27 -11.42
CA GLY B 158 3.96 -14.18 -11.82
C GLY B 158 2.58 -13.81 -11.29
N GLY B 159 2.51 -13.19 -10.11
CA GLY B 159 1.21 -12.90 -9.50
C GLY B 159 0.28 -12.06 -10.38
N LEU B 160 0.84 -11.13 -11.16
CA LEU B 160 0.00 -10.28 -12.02
C LEU B 160 -0.28 -10.92 -13.37
N PHE B 161 0.70 -11.63 -13.95
CA PHE B 161 0.42 -12.51 -15.08
C PHE B 161 -0.73 -13.43 -14.72
N CYS B 162 -0.63 -14.09 -13.56
CA CYS B 162 -1.64 -15.06 -13.15
C CYS B 162 -2.97 -14.40 -12.89
N LEU B 163 -2.96 -13.20 -12.30
CA LEU B 163 -4.22 -12.51 -12.06
C LEU B 163 -4.97 -12.27 -13.37
N ALA B 164 -4.26 -11.84 -14.42
CA ALA B 164 -4.92 -11.52 -15.67
C ALA B 164 -5.62 -12.76 -16.22
N ILE B 165 -4.88 -13.87 -16.31
CA ILE B 165 -5.44 -15.07 -16.90
C ILE B 165 -6.46 -15.74 -15.97
N GLN B 166 -6.28 -15.63 -14.65
CA GLN B 166 -7.27 -16.20 -13.74
C GLN B 166 -8.61 -15.48 -13.84
N LEU B 167 -8.59 -14.14 -13.97
CA LEU B 167 -9.84 -13.41 -14.20
C LEU B 167 -10.45 -13.79 -15.54
N MET B 168 -9.61 -13.97 -16.56
CA MET B 168 -10.13 -14.37 -17.87
C MET B 168 -10.77 -15.75 -17.80
N GLN B 169 -10.12 -16.68 -17.11
CA GLN B 169 -10.71 -18.02 -16.94
C GLN B 169 -12.04 -17.93 -16.20
N ALA B 170 -12.12 -17.07 -15.18
CA ALA B 170 -13.34 -16.94 -14.40
C ALA B 170 -14.49 -16.38 -15.25
N GLU B 171 -14.16 -15.64 -16.30
CA GLU B 171 -15.15 -15.01 -17.15
C GLU B 171 -15.45 -15.79 -18.42
N ALA B 172 -14.72 -16.88 -18.67
CA ALA B 172 -14.86 -17.69 -19.87
C ALA B 172 -15.71 -18.92 -19.58
N THR B 173 -16.19 -19.55 -20.65
CA THR B 173 -17.04 -20.72 -20.48
C THR B 173 -16.27 -22.03 -20.54
N ILE B 174 -15.00 -22.03 -20.89
CA ILE B 174 -14.21 -23.25 -20.89
C ILE B 174 -13.42 -23.34 -19.58
N GLN B 175 -13.04 -24.58 -19.22
CA GLN B 175 -12.47 -24.88 -17.91
C GLN B 175 -11.00 -25.26 -17.96
N VAL B 176 -10.34 -25.12 -19.12
CA VAL B 176 -8.93 -25.44 -19.22
C VAL B 176 -8.13 -24.60 -18.23
N ASP B 177 -7.13 -25.22 -17.59
CA ASP B 177 -6.27 -24.55 -16.62
C ASP B 177 -5.02 -24.03 -17.33
N PHE B 178 -4.94 -22.72 -17.51
CA PHE B 178 -3.80 -22.09 -18.17
C PHE B 178 -2.76 -21.53 -17.20
N ILE B 179 -2.99 -21.63 -15.90
CA ILE B 179 -2.15 -20.91 -14.92
C ILE B 179 -0.73 -21.46 -14.87
N PRO B 180 -0.50 -22.77 -14.85
CA PRO B 180 0.90 -23.24 -14.85
C PRO B 180 1.70 -22.70 -16.02
N LEU B 181 1.08 -22.61 -17.20
CA LEU B 181 1.75 -22.02 -18.35
C LEU B 181 2.04 -20.54 -18.12
N VAL B 182 1.05 -19.79 -17.63
CA VAL B 182 1.29 -18.36 -17.51
C VAL B 182 2.27 -18.07 -16.38
N ARG B 183 2.32 -18.90 -15.34
CA ARG B 183 3.31 -18.65 -14.30
C ARG B 183 4.72 -18.91 -14.83
N LEU B 184 4.89 -19.96 -15.64
CA LEU B 184 6.15 -20.20 -16.35
C LEU B 184 6.51 -19.01 -17.24
N LEU B 185 5.54 -18.46 -17.97
CA LEU B 185 5.86 -17.29 -18.79
C LEU B 185 6.30 -16.10 -17.92
N GLY B 186 5.69 -15.95 -16.73
CA GLY B 186 6.09 -14.86 -15.86
C GLY B 186 7.51 -15.02 -15.35
N ILE B 187 7.89 -16.26 -15.03
CA ILE B 187 9.25 -16.53 -14.59
C ILE B 187 10.25 -16.24 -15.71
N ILE B 188 9.97 -16.73 -16.91
CA ILE B 188 10.83 -16.44 -18.07
C ILE B 188 10.98 -14.94 -18.25
N PHE B 189 9.85 -14.22 -18.20
CA PHE B 189 9.87 -12.78 -18.37
C PHE B 189 10.80 -12.11 -17.36
N GLN B 190 10.75 -12.56 -16.10
CA GLN B 190 11.57 -11.91 -15.06
C GLN B 190 13.04 -12.26 -15.21
N ILE B 191 13.36 -13.50 -15.53
CA ILE B 191 14.77 -13.86 -15.74
C ILE B 191 15.35 -13.09 -16.92
N CYS B 192 14.58 -12.97 -18.00
CA CYS B 192 15.01 -12.15 -19.13
C CYS B 192 15.26 -10.71 -18.70
N ASP B 193 14.33 -10.17 -17.90
CA ASP B 193 14.51 -8.83 -17.34
C ASP B 193 15.77 -8.72 -16.50
N ASP B 194 16.04 -9.70 -15.64
CA ASP B 194 17.27 -9.71 -14.86
C ASP B 194 18.49 -9.64 -15.77
N TYR B 195 18.46 -10.41 -16.86
CA TYR B 195 19.57 -10.44 -17.81
C TYR B 195 19.71 -9.10 -18.53
N LEU B 196 18.60 -8.59 -19.05
CA LEU B 196 18.65 -7.36 -19.85
C LEU B 196 19.04 -6.15 -18.99
N ASN B 197 18.69 -6.15 -17.70
CA ASN B 197 19.08 -5.05 -16.83
C ASN B 197 20.58 -4.86 -16.82
N LEU B 198 21.34 -5.95 -17.00
CA LEU B 198 22.80 -5.90 -16.93
C LEU B 198 23.47 -5.90 -18.31
N LYS B 199 22.78 -6.37 -19.35
CA LYS B 199 23.40 -6.67 -20.64
C LYS B 199 22.51 -6.22 -21.78
N SER B 200 22.12 -4.94 -21.79
CA SER B 200 21.26 -4.42 -22.86
C SER B 200 21.33 -2.90 -22.87
N THR B 201 21.66 -2.34 -24.05
CA THR B 201 21.77 -0.90 -24.19
C THR B 201 20.42 -0.20 -24.02
N ALA B 202 19.33 -0.82 -24.50
CA ALA B 202 18.01 -0.23 -24.32
C ALA B 202 17.65 -0.11 -22.83
N TYR B 203 18.00 -1.12 -22.04
CA TYR B 203 17.73 -1.07 -20.60
C TYR B 203 18.65 -0.07 -19.90
N THR B 204 19.89 0.08 -20.37
CA THR B 204 20.76 1.13 -19.84
C THR B 204 20.14 2.52 -20.05
N ASP B 205 19.54 2.73 -21.23
CA ASP B 205 18.91 4.02 -21.51
C ASP B 205 17.63 4.21 -20.70
N ASN B 206 16.88 3.12 -20.45
CA ASN B 206 15.58 3.22 -19.79
C ASN B 206 15.69 3.25 -18.26
N LYS B 207 16.70 2.59 -17.69
CA LYS B 207 16.79 2.49 -16.24
C LYS B 207 18.19 2.77 -15.68
N GLY B 208 19.16 3.11 -16.52
CA GLY B 208 20.53 3.29 -16.05
C GLY B 208 21.35 2.02 -16.21
N LEU B 209 22.67 2.21 -16.16
CA LEU B 209 23.57 1.08 -16.34
C LEU B 209 23.46 0.14 -15.13
N CYS B 210 23.10 -1.12 -15.38
CA CYS B 210 23.18 -2.17 -14.38
C CYS B 210 22.53 -1.74 -13.06
N GLU B 211 21.32 -1.20 -13.17
CA GLU B 211 20.68 -0.62 -11.99
C GLU B 211 20.35 -1.65 -10.91
N ASP B 212 20.24 -2.94 -11.25
CA ASP B 212 20.05 -3.94 -10.19
C ASP B 212 21.20 -3.93 -9.18
N LEU B 213 22.43 -3.64 -9.63
CA LEU B 213 23.56 -3.53 -8.72
C LEU B 213 23.41 -2.34 -7.77
N THR B 214 23.06 -1.17 -8.32
CA THR B 214 22.79 0.00 -7.49
C THR B 214 21.73 -0.31 -6.45
N GLU B 215 20.72 -1.08 -6.82
CA GLU B 215 19.65 -1.40 -5.89
C GLU B 215 19.99 -2.54 -4.93
N GLY B 216 21.13 -3.20 -5.12
CA GLY B 216 21.48 -4.26 -4.18
C GLY B 216 20.71 -5.54 -4.33
N LYS B 217 20.15 -5.80 -5.51
CA LYS B 217 19.20 -6.90 -5.69
C LYS B 217 19.92 -8.20 -6.01
N PHE B 218 19.45 -9.30 -5.39
CA PHE B 218 19.91 -10.64 -5.74
C PHE B 218 19.08 -11.14 -6.92
N SER B 219 19.48 -10.75 -8.12
CA SER B 219 18.81 -11.16 -9.35
C SER B 219 19.38 -12.49 -9.85
N PHE B 220 18.75 -13.03 -10.91
CA PHE B 220 19.07 -14.42 -11.28
C PHE B 220 20.54 -14.62 -11.63
N PRO B 221 21.16 -13.83 -12.52
CA PRO B 221 22.59 -14.06 -12.82
C PRO B 221 23.49 -13.64 -11.68
N ILE B 222 23.06 -12.68 -10.86
CA ILE B 222 23.88 -12.25 -9.73
C ILE B 222 23.99 -13.38 -8.71
N ILE B 223 22.88 -14.05 -8.44
CA ILE B 223 22.89 -15.22 -7.56
C ILE B 223 23.86 -16.29 -8.07
N HIS B 224 23.79 -16.57 -9.37
CA HIS B 224 24.67 -17.58 -9.91
C HIS B 224 26.13 -17.20 -9.72
N SER B 225 26.46 -15.94 -10.02
CA SER B 225 27.84 -15.49 -9.92
C SER B 225 28.35 -15.52 -8.49
N ILE B 226 27.53 -15.05 -7.54
CA ILE B 226 27.93 -15.12 -6.13
C ILE B 226 28.19 -16.56 -5.71
N ARG B 227 27.26 -17.45 -6.03
CA ARG B 227 27.37 -18.82 -5.54
C ARG B 227 28.36 -19.68 -6.32
N SER B 228 28.79 -19.25 -7.51
CA SER B 228 29.72 -20.08 -8.26
C SER B 228 31.12 -20.07 -7.65
N ASN B 229 31.47 -19.04 -6.88
CA ASN B 229 32.73 -19.03 -6.14
C ASN B 229 32.50 -18.34 -4.81
N PRO B 230 32.08 -19.10 -3.79
CA PRO B 230 31.80 -18.47 -2.49
C PRO B 230 33.05 -17.93 -1.79
N GLY B 231 34.25 -18.32 -2.21
CA GLY B 231 35.45 -17.77 -1.60
C GLY B 231 35.82 -16.39 -2.08
N ASN B 232 35.30 -15.96 -3.23
CA ASN B 232 35.43 -14.60 -3.70
C ASN B 232 34.17 -13.84 -3.31
N ARG B 233 34.32 -12.76 -2.52
CA ARG B 233 33.19 -12.02 -1.98
C ARG B 233 33.07 -10.60 -2.55
N GLN B 234 33.72 -10.34 -3.69
CA GLN B 234 33.66 -9.01 -4.30
C GLN B 234 32.23 -8.66 -4.72
N LEU B 235 31.53 -9.57 -5.38
CA LEU B 235 30.24 -9.20 -5.96
C LEU B 235 29.20 -8.94 -4.87
N ILE B 236 29.10 -9.82 -3.87
CA ILE B 236 28.14 -9.58 -2.80
C ILE B 236 28.50 -8.32 -2.03
N ASN B 237 29.79 -8.00 -1.90
CA ASN B 237 30.13 -6.75 -1.24
C ASN B 237 29.79 -5.54 -2.09
N ILE B 238 29.88 -5.65 -3.42
CA ILE B 238 29.42 -4.57 -4.27
C ILE B 238 27.92 -4.34 -4.10
N LEU B 239 27.13 -5.42 -4.05
CA LEU B 239 25.70 -5.28 -3.78
C LEU B 239 25.47 -4.50 -2.50
N LYS B 240 26.20 -4.86 -1.44
CA LYS B 240 26.09 -4.17 -0.16
C LYS B 240 26.32 -2.67 -0.33
N GLN B 241 27.24 -2.29 -1.22
CA GLN B 241 27.61 -0.88 -1.36
C GLN B 241 26.58 -0.06 -2.15
N LYS B 242 25.67 -0.72 -2.86
CA LYS B 242 24.66 -0.04 -3.66
C LYS B 242 25.29 1.05 -4.54
N PRO B 243 26.23 0.69 -5.41
CA PRO B 243 27.02 1.72 -6.11
C PRO B 243 26.20 2.45 -7.16
N ARG B 244 26.28 3.77 -7.15
CA ARG B 244 25.80 4.58 -8.27
C ARG B 244 26.87 4.81 -9.32
N GLU B 245 28.12 4.45 -9.01
CA GLU B 245 29.25 4.75 -9.89
C GLU B 245 29.37 3.71 -10.98
N ASP B 246 29.54 4.18 -12.21
CA ASP B 246 29.63 3.25 -13.35
C ASP B 246 30.89 2.39 -13.27
N ASP B 247 31.95 2.87 -12.64
CA ASP B 247 33.18 2.09 -12.60
CA ASP B 247 33.20 2.10 -12.57
C ASP B 247 33.01 0.81 -11.78
N ILE B 248 32.35 0.89 -10.63
CA ILE B 248 32.09 -0.31 -9.85
C ILE B 248 31.18 -1.26 -10.61
N LYS B 249 30.15 -0.72 -11.29
CA LYS B 249 29.21 -1.59 -11.98
C LYS B 249 29.85 -2.29 -13.16
N ARG B 250 30.70 -1.59 -13.90
CA ARG B 250 31.41 -2.23 -15.00
C ARG B 250 32.31 -3.33 -14.49
N TYR B 251 32.99 -3.11 -13.37
CA TYR B 251 33.79 -4.17 -12.77
C TYR B 251 32.93 -5.36 -12.40
N ALA B 252 31.80 -5.13 -11.73
CA ALA B 252 30.91 -6.22 -11.35
C ALA B 252 30.46 -6.99 -12.57
N LEU B 253 30.06 -6.26 -13.62
CA LEU B 253 29.64 -6.89 -14.87
C LEU B 253 30.74 -7.76 -15.42
N SER B 254 31.98 -7.26 -15.42
CA SER B 254 33.10 -8.06 -15.89
C SER B 254 33.32 -9.29 -15.02
N TYR B 255 33.11 -9.16 -13.71
CA TYR B 255 33.24 -10.33 -12.85
C TYR B 255 32.18 -11.38 -13.19
N MET B 256 30.95 -10.94 -13.45
CA MET B 256 29.88 -11.89 -13.75
C MET B 256 30.13 -12.62 -15.06
N GLU B 257 30.75 -11.94 -16.04
CA GLU B 257 31.17 -12.64 -17.24
C GLU B 257 32.21 -13.70 -16.91
N SER B 258 33.14 -13.37 -16.02
CA SER B 258 34.19 -14.33 -15.64
C SER B 258 33.64 -15.58 -14.97
N THR B 259 32.47 -15.49 -14.30
CA THR B 259 31.84 -16.68 -13.74
C THR B 259 30.86 -17.34 -14.71
N ASN B 260 30.77 -16.82 -15.94
CA ASN B 260 29.96 -17.40 -17.01
C ASN B 260 28.47 -17.38 -16.67
N SER B 261 28.06 -16.36 -15.90
CA SER B 261 26.70 -16.29 -15.39
C SER B 261 25.69 -15.89 -16.45
N PHE B 262 26.13 -15.21 -17.52
CA PHE B 262 25.18 -14.89 -18.57
C PHE B 262 24.91 -16.08 -19.47
N GLU B 263 25.95 -16.87 -19.81
CA GLU B 263 25.68 -18.14 -20.47
C GLU B 263 24.78 -19.01 -19.65
N TYR B 264 25.07 -19.12 -18.36
CA TYR B 264 24.23 -19.92 -17.49
C TYR B 264 22.77 -19.46 -17.60
N THR B 265 22.55 -18.15 -17.57
CA THR B 265 21.19 -17.61 -17.58
C THR B 265 20.50 -17.88 -18.92
N ARG B 266 21.20 -17.67 -20.04
CA ARG B 266 20.64 -18.01 -21.34
C ARG B 266 20.25 -19.47 -21.44
N GLY B 267 21.10 -20.36 -20.92
CA GLY B 267 20.78 -21.78 -20.93
C GLY B 267 19.53 -22.11 -20.13
N VAL B 268 19.37 -21.49 -18.95
CA VAL B 268 18.16 -21.71 -18.17
C VAL B 268 16.93 -21.22 -18.95
N VAL B 269 17.03 -20.02 -19.54
CA VAL B 269 15.87 -19.49 -20.27
C VAL B 269 15.50 -20.42 -21.43
N ARG B 270 16.51 -20.99 -22.09
CA ARG B 270 16.25 -21.93 -23.18
C ARG B 270 15.48 -23.15 -22.69
N LYS B 271 15.87 -23.71 -21.54
CA LYS B 271 15.15 -24.86 -21.01
C LYS B 271 13.71 -24.52 -20.68
N LEU B 272 13.49 -23.34 -20.08
CA LEU B 272 12.15 -22.94 -19.67
C LEU B 272 11.27 -22.67 -20.89
N LYS B 273 11.83 -22.03 -21.91
CA LYS B 273 11.10 -21.82 -23.15
C LYS B 273 10.70 -23.15 -23.78
N THR B 274 11.60 -24.13 -23.73
CA THR B 274 11.27 -25.45 -24.25
C THR B 274 10.11 -26.06 -23.50
N GLU B 275 10.10 -25.90 -22.17
CA GLU B 275 8.96 -26.38 -21.41
C GLU B 275 7.70 -25.62 -21.79
N ALA B 276 7.83 -24.33 -22.03
CA ALA B 276 6.65 -23.52 -22.35
C ALA B 276 6.05 -23.97 -23.68
N ILE B 277 6.90 -24.18 -24.69
CA ILE B 277 6.41 -24.63 -25.99
C ILE B 277 5.80 -26.02 -25.88
N ASP B 278 6.42 -26.91 -25.10
CA ASP B 278 5.84 -28.23 -24.92
C ASP B 278 4.46 -28.14 -24.27
N THR B 279 4.32 -27.26 -23.28
CA THR B 279 3.01 -27.09 -22.63
C THR B 279 1.99 -26.53 -23.61
N ILE B 280 2.41 -25.58 -24.44
CA ILE B 280 1.50 -24.99 -25.42
C ILE B 280 1.05 -26.07 -26.40
N GLN B 281 2.00 -26.86 -26.91
CA GLN B 281 1.66 -27.93 -27.85
C GLN B 281 0.76 -28.96 -27.21
N GLY B 282 0.97 -29.26 -25.93
CA GLY B 282 0.06 -30.15 -25.23
C GLY B 282 -1.35 -29.61 -25.16
N LEU B 283 -1.50 -28.31 -24.87
CA LEU B 283 -2.83 -27.71 -24.82
C LEU B 283 -3.52 -27.77 -26.17
N GLU B 284 -2.76 -27.53 -27.25
CA GLU B 284 -3.33 -27.54 -28.59
C GLU B 284 -3.71 -28.96 -29.02
N LYS B 285 -2.83 -29.93 -28.75
CA LYS B 285 -3.12 -31.32 -29.13
C LYS B 285 -4.41 -31.82 -28.48
N HIS B 286 -4.78 -31.27 -27.32
CA HIS B 286 -5.98 -31.70 -26.62
C HIS B 286 -7.19 -30.84 -26.93
N GLY B 287 -7.21 -30.18 -28.09
CA GLY B 287 -8.43 -29.49 -28.48
C GLY B 287 -8.29 -28.04 -28.89
N LEU B 288 -7.41 -27.28 -28.24
CA LEU B 288 -7.34 -25.85 -28.47
C LEU B 288 -6.73 -25.56 -29.84
N GLU B 289 -7.12 -24.43 -30.41
CA GLU B 289 -6.62 -24.09 -31.73
C GLU B 289 -5.18 -23.59 -31.64
N GLU B 290 -4.48 -23.69 -32.78
CA GLU B 290 -3.09 -23.29 -32.83
C GLU B 290 -2.96 -21.80 -32.54
N ASN B 291 -2.05 -21.47 -31.63
CA ASN B 291 -1.92 -20.12 -31.12
C ASN B 291 -0.58 -19.54 -31.56
N ILE B 292 -0.58 -18.80 -32.66
CA ILE B 292 0.63 -18.12 -33.12
C ILE B 292 1.01 -16.99 -32.18
N GLY B 293 0.02 -16.21 -31.75
CA GLY B 293 0.30 -15.05 -30.92
C GLY B 293 1.08 -15.37 -29.66
N ILE B 294 0.74 -16.48 -29.00
CA ILE B 294 1.44 -16.79 -27.76
C ILE B 294 2.89 -17.22 -28.04
N ARG B 295 3.14 -17.79 -29.23
CA ARG B 295 4.51 -18.11 -29.59
C ARG B 295 5.32 -16.85 -29.87
N LYS B 296 4.67 -15.82 -30.42
CA LYS B 296 5.34 -14.55 -30.67
C LYS B 296 5.70 -13.85 -29.36
N ILE B 297 4.80 -13.89 -28.38
CA ILE B 297 5.11 -13.27 -27.09
C ILE B 297 6.30 -13.98 -26.46
N LEU B 298 6.27 -15.32 -26.47
CA LEU B 298 7.41 -16.09 -25.98
C LEU B 298 8.69 -15.74 -26.73
N ALA B 299 8.63 -15.64 -28.06
CA ALA B 299 9.81 -15.25 -28.83
C ALA B 299 10.22 -13.80 -28.53
N ARG B 300 9.25 -12.94 -28.29
CA ARG B 300 9.54 -11.53 -28.04
C ARG B 300 10.24 -11.34 -26.70
N MET B 301 9.72 -11.99 -25.64
CA MET B 301 10.25 -11.71 -24.32
C MET B 301 11.65 -12.27 -24.12
N SER B 302 12.01 -13.32 -24.86
CA SER B 302 13.35 -13.88 -24.81
C SER B 302 14.21 -13.49 -26.01
N LEU B 303 13.81 -12.46 -26.76
CA LEU B 303 14.46 -12.12 -28.02
C LEU B 303 15.97 -12.01 -27.87
N GLU B 304 16.43 -11.21 -26.91
CA GLU B 304 17.85 -10.91 -26.78
C GLU B 304 18.61 -11.95 -25.96
N LEU B 305 18.00 -13.09 -25.67
CA LEU B 305 18.70 -14.16 -24.98
C LEU B 305 18.83 -15.40 -25.86
#